data_2OOI
#
_entry.id   2OOI
#
_cell.length_a   116.104
_cell.length_b   116.104
_cell.length_c   86.185
_cell.angle_alpha   90.00
_cell.angle_beta   90.00
_cell.angle_gamma   120.00
#
_symmetry.space_group_name_H-M   'P 63'
#
loop_
_entity.id
_entity.type
_entity.pdbx_description
1 polymer 'SA0254 protein'
2 non-polymer 'ZINC ION'
3 water water
#
_entity_poly.entity_id   1
_entity_poly.type   'polypeptide(L)'
_entity_poly.pdbx_seq_one_letter_code
;NRINVFKTNGFSKSLGEHRMTSKVLVFKEMATPPKSVQDELQLNADDTVYYLERLRFVDDDVLCIEYSYYHKEIVKYLND
DIAKGSIFDYLESNMKLRIGFSDIFFNVDKLTSSEASLLQLSTGEPCLRYHQTFYTMTGKPFDSSDIVFHYRHAQFYIPS
KK
;
_entity_poly.pdbx_strand_id   A,B
#
# COMPACT_ATOMS: atom_id res chain seq x y z
N ASN A 1 15.25 3.11 5.77
CA ASN A 1 14.75 3.15 4.36
C ASN A 1 13.31 2.56 4.24
N ARG A 2 13.00 1.80 3.18
CA ARG A 2 11.59 1.66 2.78
C ARG A 2 11.28 0.37 2.03
N ILE A 3 10.16 -0.26 2.37
CA ILE A 3 9.75 -1.52 1.76
C ILE A 3 9.07 -1.26 0.42
N ASN A 4 9.49 -1.98 -0.62
CA ASN A 4 8.87 -1.84 -1.94
C ASN A 4 7.88 -2.97 -2.26
N VAL A 5 6.64 -2.63 -2.57
CA VAL A 5 5.58 -3.63 -2.73
C VAL A 5 5.38 -4.16 -4.16
N PHE A 6 5.77 -3.37 -5.15
CA PHE A 6 5.45 -3.67 -6.54
C PHE A 6 5.85 -5.09 -6.90
N LYS A 7 7.15 -5.34 -6.97
CA LYS A 7 7.76 -6.49 -6.31
C LYS A 7 6.71 -7.54 -5.97
N THR A 8 6.62 -8.57 -6.81
CA THR A 8 6.50 -9.94 -6.32
C THR A 8 7.86 -10.55 -6.03
N ASN A 9 8.41 -10.25 -4.85
CA ASN A 9 9.60 -10.93 -4.36
C ASN A 9 9.26 -11.44 -2.97
N GLY A 10 10.25 -12.04 -2.31
CA GLY A 10 10.23 -12.14 -0.86
C GLY A 10 10.61 -10.77 -0.32
N PHE A 11 10.30 -10.51 0.95
CA PHE A 11 10.75 -9.27 1.58
C PHE A 11 12.25 -9.22 1.66
N SER A 12 12.85 -10.38 1.88
CA SER A 12 14.28 -10.57 1.78
C SER A 12 14.89 -9.80 0.60
N LYS A 13 14.13 -9.62 -0.50
CA LYS A 13 14.62 -8.87 -1.68
C LYS A 13 14.00 -7.45 -1.82
N SER A 14 13.97 -6.72 -0.71
CA SER A 14 13.65 -5.27 -0.75
C SER A 14 14.82 -4.25 -0.53
N ARG A 19 19.97 -6.83 5.83
CA ARG A 19 19.01 -6.07 6.65
C ARG A 19 17.96 -6.91 7.41
N MET A 20 17.41 -7.92 6.76
CA MET A 20 16.29 -8.65 7.32
C MET A 20 16.73 -9.84 8.13
N THR A 21 15.93 -10.25 9.09
CA THR A 21 16.18 -11.49 9.84
C THR A 21 14.85 -12.04 10.39
N SER A 22 14.86 -13.26 10.95
CA SER A 22 13.62 -14.00 11.28
C SER A 22 13.73 -14.88 12.51
N LYS A 23 12.67 -14.91 13.32
CA LYS A 23 12.46 -15.96 14.31
C LYS A 23 11.33 -16.83 13.67
N VAL A 24 11.63 -18.05 13.22
CA VAL A 24 10.58 -18.98 12.83
C VAL A 24 9.82 -19.43 14.09
N LEU A 25 8.51 -19.25 14.14
CA LEU A 25 7.78 -19.64 15.34
C LEU A 25 7.11 -20.98 15.16
N VAL A 26 6.59 -21.20 13.97
CA VAL A 26 6.03 -22.49 13.60
C VAL A 26 6.41 -22.83 12.18
N PHE A 27 6.80 -24.08 11.99
CA PHE A 27 6.82 -24.66 10.67
C PHE A 27 6.26 -26.05 10.75
N LYS A 28 5.28 -26.35 9.92
CA LYS A 28 4.75 -27.69 9.89
C LYS A 28 4.05 -28.04 8.60
N GLU A 29 3.97 -29.34 8.36
CA GLU A 29 3.32 -29.89 7.20
C GLU A 29 1.90 -30.25 7.66
N MET A 30 0.87 -29.78 6.96
CA MET A 30 -0.49 -30.07 7.36
C MET A 30 -1.16 -31.00 6.33
N ALA A 31 -1.65 -32.14 6.82
CA ALA A 31 -2.37 -33.14 5.98
C ALA A 31 -3.62 -32.54 5.38
N THR A 32 -4.31 -31.71 6.18
CA THR A 32 -5.56 -31.11 5.77
C THR A 32 -5.37 -29.65 5.98
N PRO A 33 -5.43 -28.85 4.92
CA PRO A 33 -5.27 -27.43 5.10
C PRO A 33 -6.52 -26.79 5.66
N PRO A 34 -6.36 -25.65 6.35
CA PRO A 34 -7.51 -24.83 6.72
C PRO A 34 -8.42 -24.56 5.52
N LYS A 35 -9.71 -24.39 5.77
CA LYS A 35 -10.67 -24.31 4.66
C LYS A 35 -10.39 -23.05 3.86
N SER A 36 -10.05 -21.97 4.55
CA SER A 36 -9.67 -20.73 3.86
C SER A 36 -8.51 -20.97 2.87
N VAL A 37 -7.50 -21.70 3.33
CA VAL A 37 -6.35 -22.05 2.52
C VAL A 37 -6.75 -22.95 1.34
N GLN A 38 -7.69 -23.86 1.53
CA GLN A 38 -8.17 -24.69 0.41
C GLN A 38 -8.75 -23.83 -0.68
N ASP A 39 -9.64 -22.92 -0.28
CA ASP A 39 -10.25 -21.98 -1.20
C ASP A 39 -9.15 -21.25 -1.94
N GLU A 40 -8.38 -20.43 -1.20
CA GLU A 40 -7.38 -19.53 -1.76
C GLU A 40 -6.33 -20.23 -2.67
N LEU A 41 -5.94 -21.46 -2.35
CA LEU A 41 -4.91 -22.13 -3.16
C LEU A 41 -5.49 -23.14 -4.16
N GLN A 42 -6.80 -23.07 -4.34
CA GLN A 42 -7.50 -24.00 -5.16
C GLN A 42 -7.12 -25.41 -4.84
N LEU A 43 -7.31 -25.74 -3.59
CA LEU A 43 -6.96 -27.05 -3.05
C LEU A 43 -8.21 -27.83 -2.62
N ASN A 44 -8.01 -29.11 -2.30
CA ASN A 44 -8.99 -29.90 -1.55
C ASN A 44 -8.45 -30.36 -0.15
N ALA A 45 -9.30 -31.05 0.62
CA ALA A 45 -8.93 -31.59 1.95
C ALA A 45 -7.67 -32.47 1.90
N ASP A 46 -7.51 -33.25 0.83
CA ASP A 46 -6.43 -34.26 0.74
C ASP A 46 -4.99 -33.72 0.57
N ASP A 47 -4.76 -32.70 -0.28
CA ASP A 47 -3.36 -32.36 -0.65
C ASP A 47 -2.67 -31.35 0.28
N THR A 48 -1.38 -31.58 0.48
CA THR A 48 -0.70 -31.09 1.65
C THR A 48 -0.23 -29.65 1.49
N VAL A 49 -0.19 -28.94 2.61
CA VAL A 49 0.37 -27.61 2.63
C VAL A 49 1.43 -27.55 3.70
N TYR A 50 2.34 -26.60 3.56
CA TYR A 50 3.26 -26.30 4.65
C TYR A 50 2.72 -25.06 5.30
N TYR A 51 2.77 -24.99 6.63
CA TYR A 51 2.43 -23.74 7.31
C TYR A 51 3.69 -23.21 7.99
N LEU A 52 3.85 -21.89 7.92
CA LEU A 52 5.02 -21.17 8.39
C LEU A 52 4.57 -19.89 9.05
N GLU A 53 5.07 -19.66 10.25
CA GLU A 53 4.70 -18.52 11.04
C GLU A 53 6.02 -17.89 11.39
N ARG A 54 6.23 -16.65 10.95
CA ARG A 54 7.51 -16.00 11.13
C ARG A 54 7.40 -14.62 11.67
N LEU A 55 8.30 -14.26 12.57
CA LEU A 55 8.41 -12.94 13.10
C LEU A 55 9.57 -12.37 12.35
N ARG A 56 9.36 -11.28 11.63
CA ARG A 56 10.42 -10.67 10.87
C ARG A 56 10.91 -9.39 11.49
N PHE A 57 12.18 -9.12 11.29
CA PHE A 57 12.87 -7.98 11.86
C PHE A 57 13.65 -7.27 10.78
N VAL A 58 13.80 -5.97 10.93
CA VAL A 58 14.66 -5.21 10.06
C VAL A 58 15.59 -4.42 10.95
N ASP A 59 16.89 -4.58 10.67
CA ASP A 59 17.95 -4.00 11.49
C ASP A 59 17.55 -4.04 12.99
N ASP A 60 17.11 -5.20 13.45
CA ASP A 60 16.85 -5.46 14.88
C ASP A 60 15.49 -4.93 15.40
N ASP A 61 14.70 -4.28 14.53
CA ASP A 61 13.34 -3.80 14.90
C ASP A 61 12.25 -4.69 14.36
N VAL A 62 11.28 -5.03 15.20
CA VAL A 62 10.26 -5.99 14.79
C VAL A 62 9.40 -5.37 13.70
N LEU A 63 9.38 -6.00 12.52
CA LEU A 63 8.70 -5.46 11.36
C LEU A 63 7.30 -6.01 11.14
N CYS A 64 7.12 -7.32 11.30
CA CYS A 64 5.78 -7.93 11.14
C CYS A 64 5.73 -9.39 11.56
N ILE A 65 4.50 -9.93 11.69
CA ILE A 65 4.30 -11.37 11.80
C ILE A 65 3.77 -11.80 10.46
N GLU A 66 4.26 -12.95 9.99
CA GLU A 66 3.93 -13.44 8.69
C GLU A 66 3.37 -14.86 8.82
N TYR A 67 2.16 -15.03 8.30
CA TYR A 67 1.47 -16.30 8.33
C TYR A 67 1.39 -16.82 6.90
N SER A 68 2.21 -17.83 6.57
CA SER A 68 2.26 -18.35 5.19
C SER A 68 1.79 -19.83 5.04
N TYR A 69 1.01 -20.10 4.00
CA TYR A 69 0.73 -21.46 3.59
C TYR A 69 1.28 -21.73 2.21
N TYR A 70 2.03 -22.82 2.06
CA TYR A 70 2.54 -23.23 0.75
C TYR A 70 1.98 -24.57 0.27
N HIS A 71 1.72 -24.62 -1.03
CA HIS A 71 1.23 -25.81 -1.71
C HIS A 71 2.41 -26.73 -1.93
N LYS A 72 2.48 -27.81 -1.15
CA LYS A 72 3.63 -28.72 -1.22
C LYS A 72 3.91 -29.25 -2.62
N GLU A 73 2.87 -29.50 -3.39
CA GLU A 73 3.05 -30.04 -4.72
C GLU A 73 3.90 -29.07 -5.54
N ILE A 74 3.46 -27.82 -5.63
CA ILE A 74 4.16 -26.84 -6.43
C ILE A 74 5.57 -26.53 -5.92
N VAL A 75 5.69 -26.37 -4.62
CA VAL A 75 6.92 -25.90 -3.97
C VAL A 75 7.90 -27.05 -3.70
N LYS A 76 7.35 -28.27 -3.71
CA LYS A 76 8.09 -29.55 -3.71
C LYS A 76 8.70 -29.97 -2.38
N TYR A 77 9.34 -29.04 -1.68
CA TYR A 77 9.93 -29.34 -0.38
C TYR A 77 10.36 -28.08 0.35
N LEU A 78 9.89 -27.96 1.59
CA LEU A 78 10.32 -26.93 2.52
C LEU A 78 10.62 -27.60 3.88
N ASN A 79 11.42 -26.95 4.71
CA ASN A 79 11.67 -27.39 6.09
C ASN A 79 12.02 -26.15 6.90
N ASP A 80 12.14 -26.29 8.22
CA ASP A 80 12.28 -25.07 9.04
C ASP A 80 13.69 -24.50 8.96
N ASP A 81 14.68 -25.36 8.70
CA ASP A 81 16.00 -24.79 8.46
C ASP A 81 15.92 -23.80 7.30
N ILE A 82 15.33 -24.23 6.19
CA ILE A 82 15.30 -23.36 5.02
C ILE A 82 14.36 -22.17 5.22
N ALA A 83 13.37 -22.34 6.10
CA ALA A 83 12.46 -21.25 6.52
C ALA A 83 13.16 -20.12 7.29
N LYS A 84 14.31 -20.44 7.92
CA LYS A 84 15.16 -19.43 8.57
C LYS A 84 15.72 -18.41 7.58
N GLY A 85 15.85 -18.75 6.30
CA GLY A 85 16.44 -17.81 5.31
C GLY A 85 15.38 -17.27 4.38
N SER A 86 15.77 -16.96 3.14
CA SER A 86 14.86 -16.48 2.07
C SER A 86 14.18 -17.62 1.31
N ILE A 87 12.88 -17.76 1.51
CA ILE A 87 12.11 -18.80 0.84
C ILE A 87 12.07 -18.57 -0.66
N PHE A 88 11.87 -17.32 -1.04
CA PHE A 88 11.87 -16.96 -2.43
C PHE A 88 13.16 -17.30 -3.16
N ASP A 89 14.32 -17.06 -2.57
CA ASP A 89 15.58 -17.42 -3.28
C ASP A 89 15.73 -18.94 -3.35
N TYR A 90 15.33 -19.63 -2.29
CA TYR A 90 15.35 -21.07 -2.32
C TYR A 90 14.46 -21.57 -3.46
N LEU A 91 13.25 -21.01 -3.54
CA LEU A 91 12.29 -21.37 -4.57
C LEU A 91 12.84 -21.15 -5.97
N GLU A 92 13.52 -20.04 -6.22
CA GLU A 92 14.01 -19.76 -7.57
C GLU A 92 15.32 -20.42 -7.88
N SER A 93 16.24 -20.42 -6.92
CA SER A 93 17.59 -20.91 -7.17
C SER A 93 17.65 -22.38 -6.98
N ASN A 94 17.12 -22.91 -5.87
CA ASN A 94 17.14 -24.37 -5.64
C ASN A 94 16.04 -25.10 -6.40
N MET A 95 14.78 -24.86 -6.05
CA MET A 95 13.64 -25.53 -6.67
C MET A 95 13.45 -25.15 -8.14
N LYS A 96 14.08 -24.07 -8.57
CA LYS A 96 13.97 -23.59 -9.95
C LYS A 96 12.50 -23.33 -10.37
N LEU A 97 11.75 -22.77 -9.44
CA LEU A 97 10.35 -22.46 -9.62
C LEU A 97 10.19 -21.10 -10.30
N ARG A 98 9.43 -21.09 -11.39
CA ARG A 98 9.18 -19.90 -12.18
C ARG A 98 7.97 -19.20 -11.57
N ILE A 99 8.24 -18.13 -10.83
CA ILE A 99 7.18 -17.39 -10.17
C ILE A 99 6.72 -16.33 -11.13
N GLY A 100 5.43 -16.23 -11.38
CA GLY A 100 4.91 -15.33 -12.41
C GLY A 100 4.36 -14.00 -11.93
N PHE A 101 3.28 -14.06 -11.14
CA PHE A 101 2.64 -12.86 -10.65
C PHE A 101 2.05 -13.07 -9.26
N SER A 102 1.50 -11.98 -8.69
CA SER A 102 0.86 -12.00 -7.37
C SER A 102 -0.20 -10.92 -7.21
N ASP A 103 -1.23 -11.26 -6.42
CA ASP A 103 -2.28 -10.32 -6.03
C ASP A 103 -2.01 -9.87 -4.59
N ILE A 104 -2.00 -8.55 -4.36
CA ILE A 104 -1.80 -7.99 -3.04
C ILE A 104 -3.07 -7.26 -2.57
N PHE A 105 -3.56 -7.58 -1.37
CA PHE A 105 -4.64 -6.77 -0.75
C PHE A 105 -4.17 -6.22 0.57
N PHE A 106 -4.47 -4.95 0.87
CA PHE A 106 -4.25 -4.46 2.24
C PHE A 106 -5.21 -3.37 2.77
N ASN A 107 -5.28 -3.30 4.10
CA ASN A 107 -6.07 -2.29 4.77
C ASN A 107 -5.44 -2.02 6.12
N VAL A 108 -5.83 -0.89 6.71
CA VAL A 108 -5.32 -0.48 7.99
C VAL A 108 -6.34 -0.95 9.01
N ASP A 109 -5.90 -1.30 10.20
CA ASP A 109 -6.79 -1.78 11.25
C ASP A 109 -6.19 -1.55 12.62
N LYS A 110 -6.96 -1.91 13.65
CA LYS A 110 -6.51 -1.95 15.03
C LYS A 110 -5.91 -3.31 15.28
N LEU A 111 -4.94 -3.37 16.18
CA LEU A 111 -4.29 -4.62 16.51
C LEU A 111 -5.11 -5.32 17.53
N THR A 112 -4.95 -6.61 17.54
CA THR A 112 -5.56 -7.44 18.50
C THR A 112 -4.69 -7.38 19.74
N SER A 113 -5.13 -8.06 20.79
CA SER A 113 -4.39 -8.14 22.05
C SER A 113 -3.11 -8.94 21.86
N SER A 114 -3.23 -10.09 21.24
CA SER A 114 -2.08 -10.97 21.05
C SER A 114 -1.10 -10.40 20.02
N GLU A 115 -1.64 -9.73 19.01
CA GLU A 115 -0.81 -9.13 17.97
C GLU A 115 0.02 -7.99 18.55
N ALA A 116 -0.66 -7.10 19.28
CA ALA A 116 0.04 -6.01 19.98
C ALA A 116 1.12 -6.62 20.87
N SER A 117 0.85 -7.76 21.46
CA SER A 117 1.84 -8.45 22.26
C SER A 117 3.01 -8.89 21.41
N LEU A 118 2.77 -9.64 20.35
CA LEU A 118 3.86 -10.07 19.44
C LEU A 118 4.71 -8.89 18.93
N LEU A 119 4.07 -7.76 18.64
CA LEU A 119 4.75 -6.65 17.98
C LEU A 119 5.21 -5.58 18.98
N GLN A 120 5.29 -5.95 20.25
CA GLN A 120 5.42 -5.03 21.38
C GLN A 120 4.78 -3.69 21.18
N LEU A 121 3.46 -3.72 21.05
CA LEU A 121 2.63 -2.53 21.04
C LEU A 121 1.43 -2.73 21.97
N SER A 122 0.56 -1.73 22.11
CA SER A 122 -0.67 -1.83 22.92
C SER A 122 -1.88 -2.28 22.08
N THR A 123 -2.72 -3.15 22.66
CA THR A 123 -4.04 -3.50 22.12
C THR A 123 -4.72 -2.31 21.46
N GLY A 124 -5.22 -2.51 20.23
CA GLY A 124 -5.96 -1.45 19.55
C GLY A 124 -5.17 -0.41 18.76
N GLU A 125 -3.85 -0.37 18.88
CA GLU A 125 -3.03 0.53 18.06
C GLU A 125 -3.02 0.12 16.58
N PRO A 126 -2.68 1.07 15.69
CA PRO A 126 -2.78 0.79 14.28
C PRO A 126 -1.86 -0.33 13.82
N CYS A 127 -2.21 -0.90 12.68
CA CYS A 127 -1.36 -1.87 12.00
C CYS A 127 -1.81 -1.89 10.55
N LEU A 128 -1.03 -2.55 9.69
CA LEU A 128 -1.41 -2.81 8.32
C LEU A 128 -1.66 -4.31 8.18
N ARG A 129 -2.82 -4.70 7.64
CA ARG A 129 -3.08 -6.12 7.28
C ARG A 129 -2.84 -6.26 5.81
N TYR A 130 -1.96 -7.18 5.46
CA TYR A 130 -1.50 -7.32 4.09
C TYR A 130 -1.60 -8.81 3.69
N HIS A 131 -2.32 -9.06 2.62
CA HIS A 131 -2.42 -10.36 2.05
C HIS A 131 -1.74 -10.43 0.69
N GLN A 132 -1.05 -11.52 0.45
CA GLN A 132 -0.47 -11.75 -0.85
C GLN A 132 -0.65 -13.22 -1.26
N THR A 133 -1.11 -13.41 -2.49
CA THR A 133 -1.19 -14.75 -3.06
C THR A 133 -0.28 -14.78 -4.27
N PHE A 134 0.72 -15.68 -4.23
CA PHE A 134 1.70 -15.80 -5.32
C PHE A 134 1.30 -16.91 -6.30
N TYR A 135 1.48 -16.61 -7.58
CA TYR A 135 1.26 -17.56 -8.64
C TYR A 135 2.52 -17.92 -9.41
N THR A 136 2.54 -19.17 -9.86
CA THR A 136 3.53 -19.59 -10.84
C THR A 136 3.17 -18.91 -12.17
N MET A 137 4.08 -19.08 -13.12
CA MET A 137 3.89 -18.54 -14.45
C MET A 137 2.80 -19.23 -15.25
N THR A 138 2.39 -20.43 -14.83
CA THR A 138 1.27 -21.11 -15.49
C THR A 138 -0.02 -20.90 -14.69
N GLY A 139 0.00 -19.91 -13.80
CA GLY A 139 -1.20 -19.44 -13.13
C GLY A 139 -1.56 -20.19 -11.88
N LYS A 140 -0.73 -21.12 -11.43
CA LYS A 140 -1.06 -21.95 -10.26
C LYS A 140 -0.69 -21.23 -8.95
N PRO A 141 -1.65 -21.07 -8.02
CA PRO A 141 -1.33 -20.43 -6.74
C PRO A 141 -0.49 -21.34 -5.85
N PHE A 142 0.58 -20.84 -5.23
CA PHE A 142 1.39 -21.72 -4.37
C PHE A 142 1.65 -21.22 -2.96
N ASP A 143 1.35 -19.95 -2.69
CA ASP A 143 1.69 -19.31 -1.43
C ASP A 143 0.57 -18.36 -1.15
N SER A 144 -0.05 -18.50 0.01
CA SER A 144 -1.00 -17.55 0.50
C SER A 144 -0.44 -17.04 1.81
N SER A 145 -0.17 -15.74 1.87
CA SER A 145 0.45 -15.11 3.03
C SER A 145 -0.35 -13.95 3.62
N ASP A 146 -0.34 -13.88 4.95
CA ASP A 146 -0.97 -12.79 5.67
C ASP A 146 0.04 -12.18 6.59
N ILE A 147 0.19 -10.86 6.52
CA ILE A 147 1.17 -10.17 7.34
C ILE A 147 0.49 -9.11 8.14
N VAL A 148 0.87 -8.95 9.39
CA VAL A 148 0.42 -7.76 10.07
C VAL A 148 1.67 -7.00 10.41
N PHE A 149 1.76 -5.78 9.89
CA PHE A 149 2.94 -4.94 10.05
C PHE A 149 2.91 -4.08 11.29
N HIS A 150 4.10 -3.84 11.82
CA HIS A 150 4.33 -2.88 12.92
C HIS A 150 4.23 -1.48 12.29
N TYR A 151 3.33 -0.64 12.82
CA TYR A 151 2.95 0.57 12.12
C TYR A 151 4.02 1.66 12.03
N ARG A 152 4.93 1.70 13.01
CA ARG A 152 6.07 2.65 13.06
C ARG A 152 7.31 2.14 12.35
N HIS A 153 7.54 0.83 12.30
CA HIS A 153 8.70 0.27 11.60
C HIS A 153 8.46 -0.04 10.11
N ALA A 154 7.21 -0.07 9.67
CA ALA A 154 6.90 -0.41 8.28
C ALA A 154 6.57 0.86 7.49
N GLN A 155 7.41 1.15 6.50
CA GLN A 155 7.32 2.33 5.65
C GLN A 155 7.36 1.81 4.24
N PHE A 156 6.48 2.25 3.35
CA PHE A 156 6.32 1.62 2.05
C PHE A 156 6.54 2.58 0.91
N TYR A 157 6.86 2.02 -0.25
CA TYR A 157 7.13 2.79 -1.42
C TYR A 157 6.68 2.05 -2.65
N ILE A 158 6.19 2.77 -3.65
CA ILE A 158 6.01 2.15 -4.94
C ILE A 158 6.19 3.18 -6.07
N PRO A 159 6.86 2.79 -7.17
CA PRO A 159 6.92 3.59 -8.41
C PRO A 159 5.89 3.17 -9.47
N SER A 160 5.08 4.15 -9.92
CA SER A 160 3.98 3.91 -10.88
C SER A 160 4.30 4.36 -12.31
N LYS A 161 3.41 3.97 -13.23
CA LYS A 161 3.60 4.17 -14.67
C LYS A 161 2.26 4.13 -15.39
N ASN B 1 -15.54 -0.63 -3.86
CA ASN B 1 -15.29 -2.06 -3.52
C ASN B 1 -13.82 -2.31 -3.13
N ARG B 2 -12.88 -1.63 -3.81
CA ARG B 2 -11.44 -1.85 -3.58
C ARG B 2 -10.60 -0.89 -4.44
N ILE B 3 -9.63 -0.22 -3.82
CA ILE B 3 -8.88 0.88 -4.45
C ILE B 3 -7.55 0.44 -5.04
N ASN B 4 -7.37 0.65 -6.33
CA ASN B 4 -6.15 0.24 -7.02
C ASN B 4 -5.09 1.34 -7.03
N VAL B 5 -3.87 0.98 -6.63
CA VAL B 5 -2.80 1.96 -6.47
C VAL B 5 -1.84 1.91 -7.66
N PHE B 6 -1.99 0.89 -8.50
CA PHE B 6 -0.85 0.35 -9.25
C PHE B 6 -0.23 1.42 -10.13
N LYS B 7 -0.88 2.57 -10.23
CA LYS B 7 -1.90 2.79 -11.25
C LYS B 7 -2.15 4.28 -11.47
N THR B 8 -1.23 4.93 -12.17
CA THR B 8 -0.94 6.33 -11.94
C THR B 8 -1.99 7.23 -12.60
N ASN B 9 -3.16 7.30 -11.99
CA ASN B 9 -4.22 8.20 -12.46
C ASN B 9 -4.85 8.86 -11.24
N GLY B 10 -5.98 9.54 -11.41
CA GLY B 10 -6.73 10.04 -10.26
C GLY B 10 -7.70 9.00 -9.75
N PHE B 11 -8.17 9.15 -8.52
CA PHE B 11 -9.07 8.16 -7.92
C PHE B 11 -10.43 8.08 -8.61
N SER B 12 -10.86 9.20 -9.20
CA SER B 12 -12.09 9.21 -9.97
C SER B 12 -11.99 8.20 -11.12
N LYS B 13 -10.83 8.17 -11.77
CA LYS B 13 -10.51 7.22 -12.85
C LYS B 13 -10.18 5.83 -12.25
N SER B 14 -9.59 5.83 -11.07
CA SER B 14 -9.16 4.59 -10.40
C SER B 14 -10.33 3.67 -10.03
N LEU B 15 -11.39 4.24 -9.48
CA LEU B 15 -12.58 3.44 -9.15
C LEU B 15 -13.82 3.90 -9.92
N GLY B 16 -14.30 5.12 -9.60
CA GLY B 16 -15.70 5.46 -9.84
C GLY B 16 -16.04 6.69 -10.67
N ARG B 19 -19.03 7.31 -8.72
CA ARG B 19 -19.03 7.16 -7.25
C ARG B 19 -18.41 8.31 -6.43
N MET B 20 -17.25 8.75 -6.90
CA MET B 20 -16.43 9.73 -6.20
C MET B 20 -17.07 11.09 -6.22
N THR B 21 -17.19 11.72 -5.05
CA THR B 21 -17.47 13.14 -4.94
C THR B 21 -16.53 13.73 -3.90
N SER B 22 -16.42 15.04 -3.88
CA SER B 22 -15.48 15.64 -2.97
C SER B 22 -16.00 16.96 -2.53
N LYS B 23 -15.60 17.39 -1.35
CA LYS B 23 -15.93 18.71 -0.86
C LYS B 23 -14.63 19.51 -0.73
N VAL B 24 -14.55 20.66 -1.38
CA VAL B 24 -13.35 21.46 -1.37
C VAL B 24 -13.34 22.26 -0.09
N LEU B 25 -12.31 22.10 0.74
CA LEU B 25 -12.24 22.80 2.02
C LEU B 25 -11.45 24.09 1.93
N VAL B 26 -10.39 24.09 1.11
CA VAL B 26 -9.47 25.21 0.96
C VAL B 26 -8.90 25.23 -0.44
N PHE B 27 -8.80 26.42 -1.03
CA PHE B 27 -8.13 26.59 -2.30
C PHE B 27 -7.47 27.94 -2.28
N LYS B 28 -6.15 27.95 -2.35
CA LYS B 28 -5.34 29.14 -2.39
C LYS B 28 -4.43 29.10 -3.61
N GLU B 29 -4.19 30.23 -4.21
CA GLU B 29 -3.06 30.37 -5.10
C GLU B 29 -1.92 30.95 -4.25
N MET B 30 -0.77 30.30 -4.16
CA MET B 30 0.33 30.71 -3.25
C MET B 30 1.54 31.18 -4.09
N ALA B 31 1.88 32.48 -4.02
CA ALA B 31 3.09 32.96 -4.71
C ALA B 31 4.32 32.36 -4.05
N THR B 32 4.26 32.04 -2.76
CA THR B 32 5.40 31.38 -2.11
C THR B 32 5.07 30.00 -1.52
N PRO B 33 5.44 28.96 -2.23
CA PRO B 33 5.23 27.61 -1.77
C PRO B 33 6.06 27.23 -0.54
N PRO B 34 5.56 26.32 0.29
CA PRO B 34 6.38 25.91 1.42
C PRO B 34 7.73 25.35 1.00
N LYS B 35 8.67 25.32 1.95
CA LYS B 35 10.01 24.83 1.71
C LYS B 35 10.01 23.45 1.08
N SER B 36 9.31 22.48 1.66
CA SER B 36 9.42 21.14 1.14
C SER B 36 8.71 21.02 -0.17
N VAL B 37 7.76 21.93 -0.44
CA VAL B 37 7.11 21.91 -1.74
C VAL B 37 8.06 22.47 -2.82
N GLN B 38 8.91 23.44 -2.46
CA GLN B 38 9.93 23.92 -3.41
C GLN B 38 10.88 22.81 -3.73
N ASP B 39 11.39 22.18 -2.67
CA ASP B 39 12.31 21.10 -2.83
C ASP B 39 11.63 20.14 -3.77
N GLU B 40 10.47 19.66 -3.37
CA GLU B 40 9.84 18.53 -4.00
C GLU B 40 9.36 18.82 -5.42
N LEU B 41 8.75 19.97 -5.66
CA LEU B 41 8.32 20.26 -7.01
C LEU B 41 9.44 20.86 -7.87
N GLN B 42 10.65 20.93 -7.27
CA GLN B 42 11.84 21.52 -7.88
C GLN B 42 11.53 22.89 -8.42
N LEU B 43 11.25 23.82 -7.51
CA LEU B 43 10.72 25.15 -7.80
C LEU B 43 11.70 26.30 -7.42
N ASN B 44 11.40 27.52 -7.87
CA ASN B 44 11.81 28.80 -7.22
C ASN B 44 10.79 29.30 -6.13
N ALA B 45 11.20 30.32 -5.33
CA ALA B 45 10.50 30.68 -4.07
C ALA B 45 9.46 31.78 -4.19
N ASP B 47 7.91 30.95 -8.80
CA ASP B 47 7.05 29.83 -9.19
C ASP B 47 5.88 29.78 -8.27
N THR B 48 4.67 29.90 -8.78
CA THR B 48 3.53 29.81 -7.89
C THR B 48 2.93 28.38 -7.92
N VAL B 49 2.28 28.04 -6.82
CA VAL B 49 1.59 26.76 -6.67
C VAL B 49 0.18 27.02 -6.20
N TYR B 50 -0.77 26.17 -6.62
CA TYR B 50 -2.11 26.15 -6.02
C TYR B 50 -2.12 25.15 -4.88
N TYR B 51 -2.77 25.50 -3.77
CA TYR B 51 -2.94 24.60 -2.62
C TYR B 51 -4.42 24.29 -2.48
N LEU B 52 -4.77 23.01 -2.29
CA LEU B 52 -6.13 22.68 -1.89
C LEU B 52 -6.22 21.55 -0.89
N GLU B 53 -7.21 21.66 -0.02
CA GLU B 53 -7.66 20.56 0.82
C GLU B 53 -9.04 20.17 0.38
N ARG B 54 -9.24 18.87 0.28
CA ARG B 54 -10.39 18.26 -0.35
C ARG B 54 -10.78 17.11 0.55
N LEU B 55 -12.06 16.99 0.85
CA LEU B 55 -12.59 15.87 1.60
C LEU B 55 -13.34 15.00 0.60
N ARG B 56 -12.94 13.73 0.46
CA ARG B 56 -13.44 12.87 -0.62
C ARG B 56 -14.30 11.72 -0.13
N PHE B 57 -15.35 11.43 -0.89
CA PHE B 57 -16.35 10.42 -0.54
C PHE B 57 -16.49 9.44 -1.69
N VAL B 58 -16.68 8.17 -1.35
CA VAL B 58 -17.13 7.17 -2.31
C VAL B 58 -18.49 6.67 -1.84
N ASP B 59 -19.53 7.07 -2.58
CA ASP B 59 -20.91 6.65 -2.29
C ASP B 59 -21.44 7.25 -0.98
N ASP B 60 -21.08 8.49 -0.70
CA ASP B 60 -21.48 9.13 0.57
C ASP B 60 -20.71 8.62 1.80
N ASP B 61 -19.87 7.58 1.62
CA ASP B 61 -18.90 7.23 2.65
C ASP B 61 -17.62 8.05 2.51
N VAL B 62 -17.20 8.72 3.58
CA VAL B 62 -15.97 9.52 3.55
C VAL B 62 -14.73 8.60 3.37
N LEU B 63 -13.90 8.90 2.38
CA LEU B 63 -12.78 8.04 2.03
C LEU B 63 -11.48 8.60 2.57
N CYS B 64 -11.25 9.88 2.36
CA CYS B 64 -9.97 10.49 2.73
C CYS B 64 -9.97 12.01 2.68
N ILE B 65 -9.00 12.60 3.37
CA ILE B 65 -8.70 14.02 3.25
C ILE B 65 -7.49 14.11 2.32
N GLU B 66 -7.53 15.02 1.36
CA GLU B 66 -6.43 15.21 0.42
C GLU B 66 -5.85 16.61 0.55
N TYR B 67 -4.55 16.70 0.79
CA TYR B 67 -3.81 17.96 0.78
C TYR B 67 -2.86 17.97 -0.42
N SER B 68 -3.11 18.82 -1.41
CA SER B 68 -2.32 18.81 -2.65
C SER B 68 -1.66 20.15 -3.02
N TYR B 69 -0.46 20.10 -3.57
CA TYR B 69 0.13 21.27 -4.17
C TYR B 69 0.40 21.02 -5.66
N TYR B 70 0.02 21.99 -6.49
CA TYR B 70 0.19 21.93 -7.93
C TYR B 70 1.06 23.06 -8.47
N HIS B 71 1.99 22.72 -9.36
CA HIS B 71 2.81 23.72 -10.02
C HIS B 71 2.02 24.47 -11.09
N LYS B 72 1.80 25.76 -10.86
CA LYS B 72 0.89 26.55 -11.70
C LYS B 72 1.37 26.59 -13.14
N GLU B 73 2.68 26.73 -13.33
CA GLU B 73 3.27 26.84 -14.65
C GLU B 73 3.03 25.59 -15.51
N ILE B 74 3.06 24.41 -14.91
CA ILE B 74 2.82 23.19 -15.67
C ILE B 74 1.33 22.92 -15.85
N VAL B 75 0.58 23.06 -14.76
CA VAL B 75 -0.85 22.78 -14.74
C VAL B 75 -1.67 23.89 -15.46
N LYS B 76 -1.05 25.08 -15.58
CA LYS B 76 -1.55 26.21 -16.38
C LYS B 76 -2.62 26.99 -15.65
N TYR B 77 -3.63 26.28 -15.16
CA TYR B 77 -4.76 26.89 -14.46
C TYR B 77 -5.64 25.90 -13.67
N LEU B 78 -6.06 26.33 -12.49
CA LEU B 78 -6.86 25.55 -11.58
C LEU B 78 -7.67 26.56 -10.76
N ASN B 79 -8.94 26.25 -10.48
CA ASN B 79 -9.75 26.96 -9.49
C ASN B 79 -10.49 25.93 -8.64
N ASP B 80 -11.29 26.40 -7.68
CA ASP B 80 -11.99 25.48 -6.77
C ASP B 80 -13.18 24.71 -7.39
N ASP B 81 -13.83 25.29 -8.39
CA ASP B 81 -14.84 24.56 -9.11
C ASP B 81 -14.21 23.38 -9.81
N ILE B 82 -13.16 23.59 -10.59
CA ILE B 82 -12.61 22.46 -11.31
C ILE B 82 -12.20 21.39 -10.25
N ALA B 83 -11.74 21.87 -9.10
CA ALA B 83 -11.37 21.01 -7.97
C ALA B 83 -12.52 20.15 -7.35
N LYS B 84 -13.77 20.47 -7.61
CA LYS B 84 -14.88 19.62 -7.18
C LYS B 84 -14.87 18.27 -7.91
N GLY B 85 -14.48 18.24 -9.18
CA GLY B 85 -14.48 17.01 -9.96
C GLY B 85 -13.13 16.37 -10.04
N SER B 86 -12.91 15.57 -11.07
CA SER B 86 -11.64 14.91 -11.30
C SER B 86 -10.61 15.87 -11.83
N ILE B 87 -9.60 16.14 -11.03
CA ILE B 87 -8.54 17.08 -11.43
C ILE B 87 -7.73 16.44 -12.54
N PHE B 88 -7.57 15.14 -12.47
CA PHE B 88 -6.76 14.46 -13.48
C PHE B 88 -7.42 14.38 -14.87
N ASP B 89 -8.76 14.34 -14.94
CA ASP B 89 -9.45 14.40 -16.23
C ASP B 89 -9.28 15.77 -16.82
N TYR B 90 -9.46 16.80 -16.00
CA TYR B 90 -9.23 18.16 -16.45
C TYR B 90 -7.83 18.29 -17.00
N LEU B 91 -6.86 17.82 -16.22
CA LEU B 91 -5.49 17.92 -16.63
C LEU B 91 -5.23 17.26 -17.99
N GLU B 92 -5.77 16.07 -18.23
CA GLU B 92 -5.57 15.40 -19.53
C GLU B 92 -6.53 15.86 -20.62
N SER B 93 -7.82 15.98 -20.31
CA SER B 93 -8.81 16.35 -21.31
C SER B 93 -8.73 17.81 -21.72
N ASN B 94 -8.64 18.72 -20.75
CA ASN B 94 -8.66 20.15 -21.05
C ASN B 94 -7.27 20.71 -21.23
N MET B 95 -6.44 20.57 -20.21
CA MET B 95 -5.08 21.11 -20.25
C MET B 95 -4.15 20.25 -21.12
N LYS B 96 -4.64 19.12 -21.63
CA LYS B 96 -3.81 18.24 -22.45
C LYS B 96 -2.42 17.98 -21.86
N LEU B 97 -2.35 17.81 -20.53
CA LEU B 97 -1.07 17.58 -19.86
C LEU B 97 -0.69 16.13 -20.02
N ARG B 98 0.56 15.88 -20.41
CA ARG B 98 1.04 14.51 -20.58
C ARG B 98 1.58 13.99 -19.26
N ILE B 99 0.84 13.10 -18.61
CA ILE B 99 1.27 12.60 -17.29
C ILE B 99 2.08 11.32 -17.43
N GLY B 100 3.33 11.38 -16.96
CA GLY B 100 4.32 10.32 -17.17
C GLY B 100 4.32 9.18 -16.13
N PHE B 101 4.57 9.53 -14.87
CA PHE B 101 4.74 8.53 -13.80
C PHE B 101 4.61 9.18 -12.43
N SER B 102 4.64 8.37 -11.37
CA SER B 102 4.60 8.90 -10.02
C SER B 102 5.32 8.03 -9.00
N ASP B 103 5.70 8.68 -7.89
CA ASP B 103 6.32 8.04 -6.74
C ASP B 103 5.32 8.03 -5.61
N ILE B 104 5.09 6.86 -5.03
CA ILE B 104 4.11 6.71 -3.97
C ILE B 104 4.80 6.26 -2.70
N PHE B 105 4.46 6.90 -1.59
CA PHE B 105 5.00 6.53 -0.30
C PHE B 105 3.83 6.32 0.65
N PHE B 106 3.79 5.22 1.40
CA PHE B 106 2.75 5.14 2.43
C PHE B 106 3.16 4.48 3.74
N ASN B 107 2.60 4.98 4.83
CA ASN B 107 2.75 4.31 6.10
C ASN B 107 1.50 4.42 6.94
N VAL B 108 1.43 3.66 8.02
CA VAL B 108 0.23 3.63 8.86
C VAL B 108 0.56 4.48 10.06
N ASP B 109 -0.43 5.22 10.57
CA ASP B 109 -0.22 6.15 11.68
C ASP B 109 -1.53 6.32 12.45
N LYS B 110 -1.49 7.13 13.52
CA LYS B 110 -2.64 7.54 14.27
C LYS B 110 -3.18 8.84 13.69
N LEU B 111 -4.46 9.11 13.91
CA LEU B 111 -5.10 10.31 13.41
C LEU B 111 -4.92 11.50 14.36
N THR B 112 -4.84 12.68 13.77
CA THR B 112 -4.87 13.87 14.57
C THR B 112 -6.33 14.13 14.86
N SER B 113 -6.60 14.95 15.87
CA SER B 113 -7.97 15.30 16.23
C SER B 113 -8.70 16.01 15.08
N SER B 114 -8.00 16.83 14.31
CA SER B 114 -8.69 17.55 13.24
C SER B 114 -8.95 16.66 12.02
N GLU B 115 -8.04 15.74 11.74
CA GLU B 115 -8.33 14.68 10.77
C GLU B 115 -9.47 13.75 11.21
N ALA B 116 -9.52 13.42 12.49
CA ALA B 116 -10.55 12.50 12.97
C ALA B 116 -11.94 13.09 12.80
N SER B 117 -12.04 14.40 13.01
CA SER B 117 -13.30 15.09 12.85
C SER B 117 -13.74 15.04 11.42
N LEU B 118 -12.85 15.39 10.50
CA LEU B 118 -13.21 15.37 9.10
C LEU B 118 -13.61 13.98 8.60
N LEU B 119 -13.06 12.91 9.18
CA LEU B 119 -13.34 11.56 8.72
C LEU B 119 -14.37 10.88 9.62
N GLN B 120 -14.92 11.62 10.59
CA GLN B 120 -15.91 11.06 11.50
C GLN B 120 -15.44 9.78 12.22
N LEU B 121 -14.25 9.92 12.84
CA LEU B 121 -13.60 8.88 13.64
C LEU B 121 -13.09 9.57 14.89
N SER B 122 -12.38 8.85 15.76
CA SER B 122 -11.82 9.44 16.99
C SER B 122 -10.33 9.74 16.90
N THR B 123 -9.90 10.85 17.51
CA THR B 123 -8.47 11.15 17.70
C THR B 123 -7.68 9.89 18.06
N GLY B 124 -6.63 9.62 17.30
CA GLY B 124 -5.74 8.51 17.61
C GLY B 124 -6.09 7.19 16.94
N GLU B 125 -7.29 7.08 16.37
CA GLU B 125 -7.63 5.88 15.63
C GLU B 125 -6.80 5.80 14.35
N PRO B 126 -6.59 4.59 13.83
CA PRO B 126 -5.66 4.39 12.75
C PRO B 126 -6.02 5.07 11.43
N CYS B 127 -5.00 5.36 10.61
CA CYS B 127 -5.20 5.85 9.24
C CYS B 127 -4.06 5.33 8.35
N LEU B 128 -4.17 5.57 7.05
CA LEU B 128 -3.06 5.45 6.11
C LEU B 128 -2.68 6.84 5.68
N ARG B 129 -1.42 7.20 5.85
CA ARG B 129 -0.86 8.46 5.33
C ARG B 129 -0.13 8.08 4.05
N TYR B 130 -0.58 8.63 2.93
CA TYR B 130 -0.17 8.25 1.60
C TYR B 130 0.31 9.51 0.90
N HIS B 131 1.45 9.45 0.23
CA HIS B 131 2.01 10.62 -0.46
C HIS B 131 2.27 10.24 -1.89
N GLN B 132 1.91 11.12 -2.82
CA GLN B 132 2.17 10.83 -4.21
C GLN B 132 2.77 12.04 -4.91
N THR B 133 3.84 11.84 -5.68
CA THR B 133 4.40 12.93 -6.48
C THR B 133 4.26 12.55 -7.93
N PHE B 134 3.60 13.41 -8.72
CA PHE B 134 3.33 13.14 -10.12
C PHE B 134 4.29 13.91 -11.02
N TYR B 135 4.76 13.27 -12.08
CA TYR B 135 5.63 13.92 -13.03
C TYR B 135 5.00 13.87 -14.39
N THR B 136 5.28 14.91 -15.17
CA THR B 136 4.89 14.91 -16.56
C THR B 136 5.73 13.89 -17.31
N MET B 137 5.37 13.64 -18.56
CA MET B 137 6.07 12.65 -19.38
C MET B 137 7.49 13.10 -19.72
N THR B 138 7.85 14.35 -19.44
CA THR B 138 9.24 14.78 -19.59
C THR B 138 9.98 14.83 -18.24
N GLY B 139 9.45 14.16 -17.22
CA GLY B 139 10.07 14.15 -15.89
C GLY B 139 9.90 15.41 -15.03
N LYS B 140 8.95 16.26 -15.36
CA LYS B 140 8.71 17.48 -14.59
C LYS B 140 7.70 17.15 -13.48
N PRO B 141 8.09 17.36 -12.23
CA PRO B 141 7.17 17.04 -11.14
C PRO B 141 6.17 18.15 -11.00
N PHE B 142 4.87 17.87 -10.99
CA PHE B 142 3.91 18.97 -10.97
C PHE B 142 2.88 18.97 -9.84
N ASP B 143 2.77 17.86 -9.10
CA ASP B 143 1.73 17.69 -8.08
C ASP B 143 2.32 16.93 -6.91
N SER B 144 2.28 17.55 -5.73
CA SER B 144 2.67 16.91 -4.47
C SER B 144 1.43 16.68 -3.62
N SER B 145 1.05 15.43 -3.40
CA SER B 145 -0.19 15.13 -2.67
C SER B 145 -0.02 14.24 -1.43
N ASP B 146 -0.61 14.70 -0.33
CA ASP B 146 -0.75 13.90 0.86
C ASP B 146 -2.20 13.56 1.06
N ILE B 147 -2.46 12.29 1.29
CA ILE B 147 -3.79 11.81 1.54
C ILE B 147 -3.82 11.13 2.89
N VAL B 148 -4.82 11.43 3.72
CA VAL B 148 -5.04 10.59 4.91
C VAL B 148 -6.37 9.83 4.75
N PHE B 149 -6.25 8.51 4.73
CA PHE B 149 -7.38 7.62 4.46
C PHE B 149 -8.14 7.22 5.72
N HIS B 150 -9.45 7.13 5.55
CA HIS B 150 -10.35 6.52 6.53
C HIS B 150 -10.03 5.03 6.60
N TYR B 151 -9.69 4.51 7.78
CA TYR B 151 -9.15 3.17 7.84
C TYR B 151 -10.12 2.03 7.57
N ARG B 152 -11.41 2.25 7.82
CA ARG B 152 -12.45 1.24 7.53
C ARG B 152 -12.91 1.29 6.07
N HIS B 153 -13.06 2.49 5.53
CA HIS B 153 -13.67 2.65 4.23
C HIS B 153 -12.68 2.42 3.10
N ALA B 154 -11.37 2.45 3.40
CA ALA B 154 -10.33 2.31 2.36
C ALA B 154 -9.70 0.92 2.42
N GLN B 155 -9.77 0.20 1.30
CA GLN B 155 -9.30 -1.19 1.22
C GLN B 155 -8.59 -1.32 -0.14
N PHE B 156 -7.32 -1.74 -0.13
CA PHE B 156 -6.44 -1.51 -1.29
C PHE B 156 -6.11 -2.79 -2.04
N TYR B 157 -5.58 -2.64 -3.26
CA TYR B 157 -5.26 -3.76 -4.14
C TYR B 157 -4.04 -3.44 -4.99
N ILE B 158 -3.11 -4.38 -5.11
CA ILE B 158 -2.05 -4.25 -6.12
C ILE B 158 -1.99 -5.50 -6.98
N PRO B 159 -2.01 -5.33 -8.31
CA PRO B 159 -1.84 -6.44 -9.21
C PRO B 159 -0.36 -6.51 -9.56
N SER B 160 0.40 -7.28 -8.78
CA SER B 160 1.87 -7.33 -8.88
C SER B 160 2.37 -8.38 -9.90
N LYS B 161 3.56 -8.12 -10.45
CA LYS B 161 4.17 -8.96 -11.49
C LYS B 161 5.67 -9.13 -11.30
#